data_4IXJ
#
_entry.id   4IXJ
#
_cell.length_a   52.823
_cell.length_b   77.857
_cell.length_c   133.661
_cell.angle_alpha   90.00
_cell.angle_beta   90.00
_cell.angle_gamma   90.00
#
_symmetry.space_group_name_H-M   'P 21 21 21'
#
loop_
_entity.id
_entity.type
_entity.pdbx_description
1 polymer 'Fimbrial protein (Pilin)'
2 non-polymer 'ZINC ION'
3 non-polymer GLYCEROL
4 water water
#
_entity_poly.entity_id   1
_entity_poly.type   'polypeptide(L)'
_entity_poly.pdbx_seq_one_letter_code
;MHHHHHHSSGLVPRGSGMKETAAAKFERQHMDSPDLGTDDDDKAMGRNIEKSKAVTCLSNRENIKTQIVIAMAEESSKDK
NEVIKEVLENKDGKYFETEPKCKSGGIYSATFDDGYDGITGIESIAKVYVTCTKHPDGIEMARDIHQSMKDLIASFAQDP
SIIPGASKGNDDFRKYLLDNKYKNGWPTIPDEFKAKYGLSKDTLYIQPYAYNPTKSDATVVVFANNKTGGNWYTSLVYDY
DEGRWYKGKNGISVAGRSWDVDTDSVKSVKTEIHSKEGWGPLN
;
_entity_poly.pdbx_strand_id   A,B
#
# COMPACT_ATOMS: atom_id res chain seq x y z
N ARG A 47 -20.86 4.46 -2.18
CA ARG A 47 -21.86 4.84 -1.20
C ARG A 47 -21.44 6.09 -0.42
N ASN A 48 -22.38 6.66 0.33
CA ASN A 48 -22.04 7.73 1.26
C ASN A 48 -21.16 7.17 2.39
N ILE A 49 -21.26 5.85 2.59
CA ILE A 49 -20.46 5.11 3.56
C ILE A 49 -18.98 5.17 3.20
N GLU A 50 -18.65 4.85 1.95
CA GLU A 50 -17.24 4.85 1.52
C GLU A 50 -16.64 6.26 1.57
N LYS A 51 -17.42 7.26 1.17
CA LYS A 51 -16.93 8.64 1.18
C LYS A 51 -16.71 9.08 2.61
N SER A 52 -17.62 8.68 3.49
CA SER A 52 -17.54 9.01 4.90
C SER A 52 -16.29 8.39 5.49
N LYS A 53 -16.05 7.13 5.15
CA LYS A 53 -14.85 6.45 5.62
C LYS A 53 -13.61 7.23 5.23
N ALA A 54 -13.61 7.75 4.00
CA ALA A 54 -12.51 8.58 3.50
C ALA A 54 -12.38 9.91 4.26
N VAL A 55 -13.49 10.59 4.50
CA VAL A 55 -13.46 11.82 5.29
C VAL A 55 -13.00 11.52 6.72
N THR A 56 -13.56 10.46 7.30
CA THR A 56 -13.20 10.09 8.66
C THR A 56 -11.72 9.77 8.77
N CYS A 57 -11.20 9.01 7.79
CA CYS A 57 -9.78 8.66 7.80
C CYS A 57 -8.88 9.90 7.70
N LEU A 58 -9.25 10.84 6.84
CA LEU A 58 -8.51 12.09 6.74
C LEU A 58 -8.43 12.80 8.10
N SER A 59 -9.55 12.89 8.81
CA SER A 59 -9.57 13.57 10.10
C SER A 59 -8.74 12.80 11.10
N ASN A 60 -8.80 11.47 10.99
CA ASN A 60 -7.94 10.60 11.79
C ASN A 60 -6.48 10.93 11.61
N ARG A 61 -6.05 11.01 10.35
CA ARG A 61 -4.65 11.24 10.06
C ARG A 61 -4.23 12.59 10.57
N GLU A 62 -5.10 13.58 10.45
CA GLU A 62 -4.77 14.91 10.98
C GLU A 62 -4.64 14.88 12.50
N ASN A 63 -5.53 14.13 13.16
CA ASN A 63 -5.44 13.96 14.62
C ASN A 63 -4.18 13.21 15.04
N ILE A 64 -3.86 12.16 14.29
CA ILE A 64 -2.62 11.47 14.51
C ILE A 64 -1.44 12.43 14.37
N LYS A 65 -1.48 13.26 13.34
CA LYS A 65 -0.39 14.21 13.15
C LYS A 65 -0.25 15.18 14.32
N THR A 66 -1.36 15.77 14.76
CA THR A 66 -1.29 16.68 15.91
C THR A 66 -0.77 15.99 17.16
N GLN A 67 -1.26 14.78 17.44
CA GLN A 67 -0.81 14.08 18.65
C GLN A 67 0.66 13.69 18.59
N ILE A 68 1.15 13.32 17.41
CA ILE A 68 2.56 13.02 17.26
C ILE A 68 3.38 14.28 17.49
N VAL A 69 2.95 15.38 16.88
CA VAL A 69 3.65 16.66 17.03
C VAL A 69 3.73 17.09 18.50
N ILE A 70 2.62 16.93 19.21
CA ILE A 70 2.58 17.31 20.62
C ILE A 70 3.46 16.37 21.41
N ALA A 71 3.36 15.08 21.13
CA ALA A 71 4.13 14.07 21.85
C ALA A 71 5.64 14.26 21.71
N MET A 72 6.08 14.70 20.53
CA MET A 72 7.50 14.94 20.27
C MET A 72 8.00 16.18 21.02
N ALA A 73 7.16 17.21 21.10
CA ALA A 73 7.48 18.42 21.85
C ALA A 73 7.56 18.10 23.34
N GLU A 74 6.76 17.12 23.77
CA GLU A 74 6.76 16.66 25.15
C GLU A 74 8.09 15.95 25.48
N GLU A 75 8.29 14.77 24.92
CA GLU A 75 9.58 14.11 25.06
C GLU A 75 10.48 14.46 23.88
N SER A 76 11.09 15.64 23.96
CA SER A 76 11.99 16.15 22.93
C SER A 76 13.22 15.26 22.72
N SER A 77 13.65 14.61 23.80
CA SER A 77 14.84 13.76 23.78
C SER A 77 14.51 12.27 23.95
N LYS A 78 13.81 11.72 22.95
CA LYS A 78 13.53 10.29 22.85
C LYS A 78 13.25 9.97 21.39
N ASP A 79 13.62 8.77 20.97
CA ASP A 79 13.48 8.35 19.57
C ASP A 79 12.10 8.63 18.96
N LYS A 80 12.10 9.30 17.82
CA LYS A 80 10.85 9.74 17.19
C LYS A 80 10.03 8.57 16.66
N ASN A 81 10.69 7.53 16.16
CA ASN A 81 9.97 6.39 15.64
C ASN A 81 9.21 5.71 16.76
N GLU A 82 9.81 5.71 17.94
CA GLU A 82 9.15 5.14 19.10
C GLU A 82 7.95 6.00 19.53
N VAL A 83 8.10 7.32 19.42
CA VAL A 83 6.99 8.24 19.71
C VAL A 83 5.84 7.95 18.75
N ILE A 84 6.19 7.84 17.47
CA ILE A 84 5.21 7.57 16.43
C ILE A 84 4.46 6.26 16.68
N LYS A 85 5.19 5.23 17.07
CA LYS A 85 4.60 3.92 17.33
C LYS A 85 3.57 3.95 18.48
N GLU A 86 3.88 4.70 19.53
CA GLU A 86 2.99 4.75 20.69
C GLU A 86 1.71 5.52 20.37
N VAL A 87 1.87 6.61 19.62
CA VAL A 87 0.70 7.38 19.19
C VAL A 87 -0.18 6.50 18.32
N LEU A 88 0.44 5.84 17.33
CA LEU A 88 -0.32 5.02 16.39
C LEU A 88 -1.10 3.90 17.12
N GLU A 89 -0.48 3.34 18.15
CA GLU A 89 -1.09 2.24 18.88
C GLU A 89 -1.94 2.71 20.05
N ASN A 90 -1.93 4.02 20.29
CA ASN A 90 -2.67 4.60 21.43
C ASN A 90 -2.25 3.97 22.74
N LYS A 91 -0.95 3.82 22.93
CA LYS A 91 -0.40 3.25 24.16
C LYS A 91 -1.06 3.81 25.43
N ASP A 92 -1.59 2.90 26.25
CA ASP A 92 -2.21 3.21 27.54
C ASP A 92 -3.37 4.21 27.42
N GLY A 93 -4.08 4.19 26.30
CA GLY A 93 -5.20 5.10 26.05
C GLY A 93 -4.86 6.58 26.21
N LYS A 94 -3.58 6.92 26.07
CA LYS A 94 -3.10 8.27 26.35
C LYS A 94 -3.41 9.29 25.25
N TYR A 95 -3.62 8.83 24.03
CA TYR A 95 -3.68 9.76 22.90
C TYR A 95 -5.07 9.93 22.29
N PHE A 96 -5.85 8.85 22.31
CA PHE A 96 -7.18 8.87 21.72
C PHE A 96 -8.17 8.09 22.58
N GLU A 97 -9.45 8.13 22.18
CA GLU A 97 -10.48 7.35 22.85
C GLU A 97 -10.28 5.86 22.53
N THR A 98 -9.70 5.59 21.37
CA THR A 98 -9.40 4.22 20.95
C THR A 98 -8.31 4.25 19.87
N GLU A 99 -7.67 3.11 19.61
CA GLU A 99 -6.64 3.08 18.57
C GLU A 99 -7.22 3.52 17.22
N PRO A 100 -6.55 4.49 16.55
CA PRO A 100 -7.15 4.96 15.29
C PRO A 100 -7.12 3.83 14.30
N LYS A 101 -8.25 3.58 13.66
CA LYS A 101 -8.36 2.52 12.66
C LYS A 101 -9.02 3.13 11.44
N CYS A 102 -8.52 2.78 10.25
CA CYS A 102 -9.17 3.20 9.04
C CYS A 102 -10.33 2.23 8.79
N LYS A 103 -11.54 2.76 8.59
CA LYS A 103 -12.70 1.90 8.37
C LYS A 103 -12.71 1.18 7.01
N SER A 104 -11.75 1.48 6.16
CA SER A 104 -11.67 0.79 4.89
C SER A 104 -10.58 -0.27 4.98
N GLY A 105 -10.01 -0.41 6.17
CA GLY A 105 -9.04 -1.46 6.41
C GLY A 105 -7.61 -1.04 6.10
N GLY A 106 -7.40 0.26 5.89
CA GLY A 106 -6.07 0.77 5.65
C GLY A 106 -5.18 0.66 6.85
N ILE A 107 -3.87 0.77 6.63
CA ILE A 107 -2.89 0.74 7.72
C ILE A 107 -2.17 2.09 7.75
N TYR A 108 -2.14 2.74 8.91
CA TYR A 108 -1.49 4.06 9.04
C TYR A 108 0.02 3.99 9.15
N SER A 109 0.69 5.03 8.62
CA SER A 109 2.12 5.21 8.80
C SER A 109 2.30 6.67 9.09
N ALA A 110 3.40 7.01 9.76
CA ALA A 110 3.75 8.39 9.96
C ALA A 110 5.26 8.52 9.88
N THR A 111 5.73 9.68 9.43
CA THR A 111 7.16 9.96 9.33
C THR A 111 7.49 11.33 9.90
N PHE A 112 8.78 11.55 10.14
CA PHE A 112 9.32 12.83 10.64
C PHE A 112 10.36 13.33 9.65
N ASP A 113 10.21 14.58 9.19
CA ASP A 113 11.25 15.23 8.39
C ASP A 113 11.94 16.30 9.23
N LYS A 127 8.91 18.24 10.81
CA LYS A 127 7.57 18.20 10.25
C LYS A 127 7.09 16.75 10.17
N VAL A 128 5.82 16.53 10.48
CA VAL A 128 5.25 15.20 10.63
C VAL A 128 4.19 14.95 9.55
N TYR A 129 4.27 13.80 8.88
CA TYR A 129 3.26 13.42 7.89
C TYR A 129 2.71 12.03 8.15
N VAL A 130 1.44 11.82 7.81
CA VAL A 130 0.72 10.58 8.11
C VAL A 130 0.09 10.09 6.81
N THR A 131 0.12 8.79 6.58
CA THR A 131 -0.51 8.20 5.41
C THR A 131 -1.35 7.01 5.77
N CYS A 132 -2.24 6.63 4.86
CA CYS A 132 -3.05 5.43 5.01
C CYS A 132 -2.95 4.63 3.71
N THR A 133 -2.65 3.34 3.80
CA THR A 133 -2.53 2.48 2.60
C THR A 133 -3.80 2.35 1.76
N LYS A 134 -4.95 2.70 2.32
CA LYS A 134 -6.19 2.68 1.55
C LYS A 134 -6.72 4.06 1.16
N HIS A 135 -6.08 5.14 1.63
CA HIS A 135 -6.58 6.48 1.32
C HIS A 135 -5.47 7.44 0.98
N PRO A 136 -5.11 7.50 -0.31
CA PRO A 136 -4.03 8.38 -0.80
C PRO A 136 -4.27 9.80 -0.28
N ASP A 137 -3.18 10.46 0.11
CA ASP A 137 -3.28 11.73 0.81
C ASP A 137 -2.69 12.86 -0.02
N GLY A 138 -3.43 13.96 -0.17
CA GLY A 138 -3.01 15.04 -1.05
C GLY A 138 -1.72 15.73 -0.64
N ILE A 139 -1.44 15.75 0.65
CA ILE A 139 -0.20 16.36 1.11
C ILE A 139 1.01 15.49 0.69
N GLU A 140 0.88 14.17 0.84
CA GLU A 140 1.95 13.31 0.40
C GLU A 140 2.18 13.46 -1.10
N MET A 141 1.09 13.53 -1.86
CA MET A 141 1.22 13.66 -3.32
C MET A 141 1.96 14.95 -3.69
N ALA A 142 1.65 16.03 -2.97
CA ALA A 142 2.31 17.31 -3.25
C ALA A 142 3.77 17.22 -2.91
N ARG A 143 4.07 16.57 -1.79
CA ARG A 143 5.46 16.47 -1.35
C ARG A 143 6.24 15.66 -2.34
N ASP A 144 5.65 14.54 -2.78
CA ASP A 144 6.30 13.69 -3.78
C ASP A 144 6.57 14.42 -5.10
N ILE A 145 5.59 15.19 -5.58
CA ILE A 145 5.76 16.03 -6.77
C ILE A 145 6.89 17.05 -6.59
N HIS A 146 6.88 17.72 -5.43
CA HIS A 146 7.89 18.73 -5.13
C HIS A 146 9.27 18.11 -5.21
N GLN A 147 9.44 16.93 -4.61
CA GLN A 147 10.75 16.30 -4.55
C GLN A 147 11.21 15.73 -5.89
N SER A 148 10.26 15.29 -6.71
CA SER A 148 10.60 14.79 -8.04
C SER A 148 11.12 15.91 -8.92
N MET A 149 10.48 17.05 -8.84
CA MET A 149 10.97 18.20 -9.59
C MET A 149 12.33 18.65 -9.04
N LYS A 150 12.49 18.68 -7.70
CA LYS A 150 13.78 19.09 -7.12
C LYS A 150 14.91 18.17 -7.57
N ASP A 151 14.65 16.87 -7.60
CA ASP A 151 15.62 15.85 -8.07
C ASP A 151 15.97 16.10 -9.52
N LEU A 152 14.96 16.37 -10.33
CA LEU A 152 15.20 16.61 -11.74
C LEU A 152 16.04 17.87 -11.94
N ILE A 153 15.75 18.91 -11.17
CA ILE A 153 16.56 20.13 -11.24
C ILE A 153 18.02 19.84 -10.87
N ALA A 154 18.22 19.04 -9.83
CA ALA A 154 19.58 18.68 -9.44
C ALA A 154 20.27 17.86 -10.54
N SER A 155 19.52 16.94 -11.16
CA SER A 155 20.10 16.14 -12.25
C SER A 155 20.52 17.00 -13.44
N PHE A 156 19.68 17.95 -13.81
CA PHE A 156 20.02 18.85 -14.91
C PHE A 156 21.29 19.62 -14.60
N ALA A 157 21.48 20.00 -13.33
CA ALA A 157 22.68 20.76 -12.98
C ALA A 157 23.98 19.99 -13.25
N GLN A 158 23.89 18.67 -13.44
CA GLN A 158 25.06 17.86 -13.73
C GLN A 158 25.06 17.43 -15.17
N ASP A 159 23.92 17.58 -15.83
CA ASP A 159 23.73 16.98 -17.14
C ASP A 159 22.50 17.56 -17.81
N PRO A 160 22.71 18.63 -18.60
CA PRO A 160 21.71 19.34 -19.39
C PRO A 160 20.92 18.40 -20.29
N SER A 161 21.55 17.33 -20.73
CA SER A 161 20.93 16.43 -21.70
C SER A 161 19.88 15.54 -21.06
N ILE A 162 19.74 15.57 -19.73
CA ILE A 162 18.69 14.75 -19.14
C ILE A 162 17.30 15.20 -19.63
N ILE A 163 17.16 16.49 -19.92
CA ILE A 163 15.98 16.98 -20.62
C ILE A 163 16.25 16.92 -22.11
N PRO A 164 15.50 16.10 -22.86
CA PRO A 164 15.72 15.98 -24.32
C PRO A 164 15.30 17.26 -25.03
N GLY A 165 15.86 17.55 -26.19
CA GLY A 165 15.44 18.72 -26.95
C GLY A 165 16.18 20.00 -26.61
N ALA A 166 15.91 21.05 -27.39
CA ALA A 166 16.62 22.32 -27.23
C ALA A 166 16.07 23.18 -26.08
N SER A 167 14.79 23.01 -25.78
CA SER A 167 14.15 23.84 -24.76
C SER A 167 14.29 23.21 -23.39
N LYS A 168 14.82 23.97 -22.44
CA LYS A 168 15.08 23.48 -21.07
C LYS A 168 14.27 24.32 -20.08
N GLY A 169 13.00 24.55 -20.39
CA GLY A 169 12.17 25.41 -19.55
C GLY A 169 11.28 24.60 -18.64
N ASN A 170 10.59 25.28 -17.73
CA ASN A 170 9.64 24.66 -16.82
C ASN A 170 8.72 23.63 -17.50
N ASP A 171 8.18 23.95 -18.67
CA ASP A 171 7.30 22.97 -19.34
C ASP A 171 8.05 21.70 -19.73
N ASP A 172 9.31 21.84 -20.09
CA ASP A 172 10.11 20.69 -20.51
C ASP A 172 10.51 19.83 -19.31
N PHE A 173 10.78 20.46 -18.16
CA PHE A 173 10.99 19.68 -16.94
C PHE A 173 9.70 18.96 -16.54
N ARG A 174 8.56 19.63 -16.63
CA ARG A 174 7.29 18.98 -16.30
C ARG A 174 7.02 17.81 -17.25
N LYS A 175 7.26 18.01 -18.54
CA LYS A 175 7.04 16.94 -19.51
C LYS A 175 7.86 15.70 -19.18
N TYR A 176 9.10 15.93 -18.74
CA TYR A 176 9.97 14.84 -18.29
C TYR A 176 9.30 14.08 -17.16
N LEU A 177 8.81 14.82 -16.17
CA LEU A 177 8.11 14.18 -15.05
C LEU A 177 6.90 13.36 -15.52
N LEU A 178 6.16 13.90 -16.47
CA LEU A 178 4.97 13.19 -16.93
C LEU A 178 5.33 11.92 -17.71
N ASP A 179 6.38 12.03 -18.55
CA ASP A 179 6.80 10.94 -19.42
C ASP A 179 7.47 9.80 -18.67
N ASN A 180 8.10 10.12 -17.55
CA ASN A 180 8.96 9.15 -16.88
C ASN A 180 8.43 8.65 -15.57
N LYS A 181 7.54 9.43 -14.95
CA LYS A 181 6.98 9.06 -13.65
C LYS A 181 5.45 9.13 -13.59
N TYR A 182 4.89 10.33 -13.78
CA TYR A 182 3.45 10.48 -13.66
C TYR A 182 2.78 10.18 -15.00
N LYS A 183 2.77 8.89 -15.36
CA LYS A 183 2.40 8.47 -16.71
C LYS A 183 0.91 8.44 -16.96
N ASN A 184 0.13 8.46 -15.89
CA ASN A 184 -1.30 8.62 -16.01
C ASN A 184 -1.73 10.07 -15.72
N GLY A 185 -0.74 10.96 -15.67
CA GLY A 185 -1.02 12.38 -15.46
C GLY A 185 -0.77 12.79 -14.02
N TRP A 186 -1.00 14.06 -13.73
CA TRP A 186 -0.77 14.60 -12.39
C TRP A 186 -1.71 13.93 -11.39
N PRO A 187 -1.24 13.71 -10.16
CA PRO A 187 -2.13 13.22 -9.11
C PRO A 187 -3.14 14.31 -8.75
N THR A 188 -4.24 13.91 -8.13
CA THR A 188 -5.34 14.84 -7.92
C THR A 188 -5.73 14.93 -6.45
N ILE A 189 -6.22 16.09 -6.03
CA ILE A 189 -6.62 16.26 -4.63
C ILE A 189 -7.80 15.34 -4.32
N PRO A 190 -7.64 14.47 -3.31
CA PRO A 190 -8.70 13.51 -2.94
C PRO A 190 -10.05 14.17 -2.65
N ASP A 191 -11.15 13.51 -3.01
CA ASP A 191 -12.48 14.10 -2.82
C ASP A 191 -12.77 14.44 -1.35
N GLU A 192 -12.24 13.63 -0.44
CA GLU A 192 -12.54 13.85 0.97
C GLU A 192 -11.90 15.15 1.50
N PHE A 193 -10.72 15.49 0.99
CA PHE A 193 -10.03 16.72 1.36
C PHE A 193 -10.80 17.91 0.78
N LYS A 194 -11.26 17.75 -0.47
CA LYS A 194 -12.04 18.82 -1.10
C LYS A 194 -13.35 19.05 -0.33
N ALA A 195 -13.99 17.98 0.10
CA ALA A 195 -15.29 18.10 0.76
C ALA A 195 -15.09 18.79 2.11
N LYS A 196 -14.07 18.34 2.82
CA LYS A 196 -13.81 18.88 4.15
C LYS A 196 -13.43 20.34 4.10
N TYR A 197 -12.63 20.71 3.11
CA TYR A 197 -12.04 22.04 3.11
C TYR A 197 -12.71 22.99 2.12
N GLY A 198 -13.88 22.58 1.65
CA GLY A 198 -14.67 23.45 0.77
C GLY A 198 -14.03 23.75 -0.56
N LEU A 199 -13.44 22.74 -1.19
CA LEU A 199 -12.82 22.96 -2.49
C LEU A 199 -13.73 22.48 -3.60
N SER A 200 -13.37 22.82 -4.84
CA SER A 200 -14.23 22.62 -6.01
C SER A 200 -14.52 21.16 -6.34
N LYS A 201 -15.69 20.89 -6.91
CA LYS A 201 -15.98 19.56 -7.45
C LYS A 201 -15.03 19.23 -8.58
N ASP A 202 -14.54 20.24 -9.29
CA ASP A 202 -13.60 20.02 -10.39
C ASP A 202 -12.42 19.18 -9.96
N THR A 203 -11.92 18.35 -10.87
CA THR A 203 -10.66 17.66 -10.62
C THR A 203 -9.59 18.72 -10.42
N LEU A 204 -8.85 18.58 -9.33
CA LEU A 204 -7.82 19.56 -9.01
C LEU A 204 -6.49 18.82 -9.13
N TYR A 205 -5.67 19.27 -10.08
CA TYR A 205 -4.40 18.60 -10.39
C TYR A 205 -3.25 19.18 -9.59
N ILE A 206 -2.61 18.31 -8.82
CA ILE A 206 -1.45 18.68 -8.00
C ILE A 206 -0.21 18.59 -8.89
N GLN A 207 0.52 19.69 -9.00
CA GLN A 207 1.53 19.81 -10.04
C GLN A 207 2.55 20.87 -9.70
N PRO A 208 3.73 20.81 -10.35
CA PRO A 208 4.81 21.71 -9.96
C PRO A 208 5.02 22.85 -10.95
N TYR A 209 5.56 23.95 -10.47
CA TYR A 209 6.10 24.97 -11.35
C TYR A 209 7.55 25.16 -10.93
N ALA A 210 8.48 25.05 -11.88
CA ALA A 210 9.88 25.22 -11.54
C ALA A 210 10.30 26.62 -11.98
N TYR A 211 10.75 27.45 -11.04
CA TYR A 211 11.26 28.76 -11.39
C TYR A 211 12.76 28.66 -11.72
N ASN A 212 13.17 29.19 -12.87
CA ASN A 212 14.58 29.14 -13.31
C ASN A 212 15.23 27.77 -13.13
N PRO A 213 14.64 26.72 -13.70
CA PRO A 213 15.12 25.36 -13.39
C PRO A 213 16.57 25.06 -13.84
N THR A 214 17.11 25.84 -14.76
CA THR A 214 18.50 25.62 -15.23
C THR A 214 19.51 26.48 -14.49
N LYS A 215 19.05 27.25 -13.50
CA LYS A 215 19.93 28.22 -12.85
C LYS A 215 20.09 27.90 -11.38
N SER A 216 21.05 28.59 -10.74
CA SER A 216 21.38 28.32 -9.34
C SER A 216 20.29 28.79 -8.37
N ASP A 217 19.42 29.68 -8.81
CA ASP A 217 18.34 30.09 -7.93
C ASP A 217 17.01 29.39 -8.25
N ALA A 218 17.08 28.24 -8.89
CA ALA A 218 15.87 27.41 -9.14
C ALA A 218 15.06 27.19 -7.88
N THR A 219 13.73 27.28 -8.00
CA THR A 219 12.83 26.90 -6.91
C THR A 219 11.69 26.08 -7.47
N VAL A 220 10.95 25.40 -6.58
CA VAL A 220 9.83 24.59 -6.98
C VAL A 220 8.63 24.99 -6.17
N VAL A 221 7.50 25.24 -6.82
CA VAL A 221 6.27 25.37 -6.05
C VAL A 221 5.23 24.37 -6.57
N VAL A 222 4.59 23.69 -5.64
CA VAL A 222 3.50 22.81 -5.99
C VAL A 222 2.17 23.52 -5.75
N PHE A 223 1.26 23.38 -6.71
CA PHE A 223 -0.02 24.05 -6.59
C PHE A 223 -1.08 23.11 -7.14
N ALA A 224 -2.35 23.53 -7.05
CA ALA A 224 -3.40 22.73 -7.63
C ALA A 224 -4.39 23.63 -8.29
N ASN A 225 -4.78 23.28 -9.51
CA ASN A 225 -5.90 23.95 -10.12
C ASN A 225 -6.59 22.97 -11.03
N ASN A 226 -7.60 23.42 -11.75
CA ASN A 226 -8.36 22.46 -12.54
C ASN A 226 -7.75 22.18 -13.93
N LYS A 227 -6.56 22.70 -14.19
CA LYS A 227 -5.86 22.47 -15.47
C LYS A 227 -4.66 21.53 -15.35
N THR A 228 -4.34 20.80 -16.42
CA THR A 228 -3.17 19.92 -16.38
C THR A 228 -1.91 20.64 -16.84
N GLY A 229 -2.07 21.83 -17.40
CA GLY A 229 -0.93 22.61 -17.81
C GLY A 229 -1.32 23.95 -18.40
N GLY A 230 -0.32 24.78 -18.65
CA GLY A 230 -0.54 26.05 -19.33
C GLY A 230 -1.32 27.09 -18.55
N ASN A 231 -1.52 26.89 -17.26
CA ASN A 231 -2.20 27.89 -16.43
C ASN A 231 -1.54 27.96 -15.08
N TRP A 232 -0.87 29.08 -14.82
CA TRP A 232 -0.04 29.23 -13.64
C TRP A 232 -0.73 30.06 -12.58
N TYR A 233 -1.99 30.43 -12.82
CA TYR A 233 -2.79 31.06 -11.77
C TYR A 233 -3.51 30.01 -10.95
N THR A 234 -3.51 30.20 -9.63
CA THR A 234 -4.01 29.19 -8.72
C THR A 234 -4.53 29.83 -7.42
N SER A 235 -5.55 29.20 -6.83
CA SER A 235 -6.08 29.59 -5.51
C SER A 235 -5.67 28.57 -4.46
N LEU A 236 -4.86 27.59 -4.85
CA LEU A 236 -4.41 26.56 -3.92
C LEU A 236 -2.93 26.36 -4.08
N VAL A 237 -2.18 26.72 -3.05
CA VAL A 237 -0.73 26.59 -3.15
C VAL A 237 -0.27 25.75 -1.98
N TYR A 238 0.61 24.81 -2.25
CA TYR A 238 1.13 23.96 -1.19
C TYR A 238 2.39 24.59 -0.64
N ASP A 239 2.39 24.95 0.64
CA ASP A 239 3.62 25.50 1.20
C ASP A 239 4.41 24.31 1.69
N TYR A 240 5.44 23.96 0.94
CA TYR A 240 6.25 22.79 1.23
C TYR A 240 6.93 22.91 2.59
N ASP A 241 7.28 24.14 2.97
CA ASP A 241 7.97 24.39 4.24
C ASP A 241 7.05 24.17 5.43
N GLU A 242 5.76 24.45 5.28
CA GLU A 242 4.80 24.31 6.37
C GLU A 242 4.03 22.99 6.43
N GLY A 243 4.01 22.24 5.34
CA GLY A 243 3.16 21.05 5.27
C GLY A 243 1.70 21.40 5.19
N ARG A 244 1.40 22.57 4.61
CA ARG A 244 0.04 23.08 4.58
C ARG A 244 -0.33 23.58 3.19
N TRP A 245 -1.56 23.31 2.76
CA TRP A 245 -2.12 24.00 1.62
C TRP A 245 -2.56 25.40 2.06
N TYR A 246 -2.30 26.39 1.21
CA TYR A 246 -2.92 27.71 1.31
C TYR A 246 -4.00 27.89 0.25
N LYS A 247 -5.10 28.53 0.66
CA LYS A 247 -6.23 28.82 -0.22
C LYS A 247 -6.53 30.33 -0.16
N GLY A 248 -6.91 30.91 -1.30
CA GLY A 248 -7.41 32.28 -1.33
C GLY A 248 -8.52 32.31 -2.36
N LYS A 249 -9.37 33.33 -2.40
CA LYS A 249 -10.36 33.32 -3.50
C LYS A 249 -9.82 33.95 -4.77
N ASN A 250 -8.96 34.94 -4.62
CA ASN A 250 -8.33 35.52 -5.79
C ASN A 250 -7.05 34.79 -6.10
N GLY A 251 -7.00 34.14 -7.26
CA GLY A 251 -5.80 33.41 -7.66
C GLY A 251 -4.56 34.27 -7.78
N ILE A 252 -3.40 33.65 -7.62
CA ILE A 252 -2.13 34.31 -7.89
C ILE A 252 -1.32 33.49 -8.89
N SER A 253 -0.38 34.14 -9.56
CA SER A 253 0.46 33.43 -10.50
C SER A 253 1.67 32.86 -9.79
N VAL A 254 1.98 31.58 -10.03
CA VAL A 254 3.21 31.00 -9.48
C VAL A 254 4.37 31.14 -10.44
N ALA A 255 4.09 31.63 -11.65
CA ALA A 255 5.09 31.68 -12.72
C ALA A 255 5.99 32.91 -12.64
N GLY A 256 7.20 32.79 -13.19
CA GLY A 256 8.08 33.94 -13.43
C GLY A 256 8.72 34.54 -12.20
N ARG A 257 8.59 33.88 -11.06
CA ARG A 257 9.18 34.40 -9.83
C ARG A 257 9.47 33.28 -8.85
N SER A 258 10.37 33.56 -7.92
CA SER A 258 10.86 32.58 -6.95
C SER A 258 9.78 32.15 -5.98
N TRP A 259 9.84 30.90 -5.53
CA TRP A 259 8.97 30.45 -4.45
C TRP A 259 9.18 31.31 -3.20
N ASP A 260 10.43 31.60 -2.85
CA ASP A 260 10.65 32.23 -1.54
C ASP A 260 11.66 33.39 -1.44
N VAL A 261 12.26 33.77 -2.56
CA VAL A 261 13.15 34.93 -2.56
C VAL A 261 12.42 36.17 -3.09
N ASP A 262 12.12 37.11 -2.20
CA ASP A 262 11.50 38.38 -2.59
C ASP A 262 12.52 39.27 -3.28
N THR A 263 12.06 40.14 -4.18
CA THR A 263 12.88 41.28 -4.63
C THR A 263 12.22 42.56 -4.14
N ASP A 264 12.86 43.71 -4.40
CA ASP A 264 12.29 45.01 -4.03
C ASP A 264 10.88 45.12 -4.59
N SER A 265 10.71 44.74 -5.85
CA SER A 265 9.45 44.96 -6.54
C SER A 265 8.59 43.70 -6.76
N VAL A 266 9.18 42.51 -6.64
CA VAL A 266 8.40 41.29 -6.86
C VAL A 266 8.42 40.37 -5.66
N LYS A 267 7.29 40.21 -4.99
CA LYS A 267 7.23 39.37 -3.81
C LYS A 267 7.19 37.90 -4.24
N SER A 268 7.91 37.06 -3.50
CA SER A 268 7.92 35.63 -3.77
C SER A 268 6.51 35.06 -3.59
N VAL A 269 6.26 33.89 -4.18
CA VAL A 269 4.97 33.23 -4.03
C VAL A 269 4.64 33.05 -2.55
N LYS A 270 5.62 32.60 -1.78
CA LYS A 270 5.40 32.28 -0.36
C LYS A 270 5.01 33.53 0.41
N THR A 271 5.72 34.62 0.16
CA THR A 271 5.39 35.88 0.83
C THR A 271 3.94 36.19 0.51
N GLU A 272 3.60 36.16 -0.76
CA GLU A 272 2.25 36.49 -1.18
C GLU A 272 1.15 35.65 -0.54
N ILE A 273 1.34 34.33 -0.46
CA ILE A 273 0.23 33.49 0.04
C ILE A 273 0.00 33.73 1.54
N HIS A 274 1.03 34.25 2.20
CA HIS A 274 0.97 34.53 3.63
C HIS A 274 0.51 35.96 3.94
N SER A 275 0.43 36.82 2.93
CA SER A 275 0.09 38.22 3.18
C SER A 275 -1.07 38.77 2.36
N LYS A 276 -1.36 38.16 1.22
CA LYS A 276 -2.46 38.60 0.36
C LYS A 276 -3.79 38.48 1.09
N GLU A 277 -4.72 39.38 0.78
CA GLU A 277 -6.02 39.35 1.44
C GLU A 277 -6.90 38.24 0.88
N GLY A 278 -7.62 37.57 1.76
CA GLY A 278 -8.47 36.46 1.37
C GLY A 278 -7.68 35.16 1.33
N TRP A 279 -6.37 35.25 1.54
CA TRP A 279 -5.52 34.07 1.58
C TRP A 279 -5.28 33.56 3.01
N GLY A 280 -5.32 32.25 3.18
CA GLY A 280 -5.06 31.65 4.47
C GLY A 280 -4.79 30.15 4.38
N PRO A 281 -4.36 29.56 5.51
CA PRO A 281 -4.09 28.12 5.63
C PRO A 281 -5.36 27.30 5.60
N LEU A 282 -5.31 26.10 5.02
CA LEU A 282 -6.48 25.22 4.98
C LEU A 282 -6.45 24.21 6.11
N ASN A 283 -5.65 23.18 5.89
CA ASN A 283 -5.47 22.14 6.90
C ASN A 283 -4.56 22.70 7.98
N ARG B 47 -3.96 4.30 -10.97
CA ARG B 47 -2.70 4.40 -10.22
C ARG B 47 -2.63 5.66 -9.35
N ASN B 48 -2.27 5.46 -8.10
CA ASN B 48 -2.13 6.55 -7.16
C ASN B 48 -0.91 6.22 -6.31
N ILE B 49 -0.53 7.15 -5.45
CA ILE B 49 0.71 7.01 -4.70
C ILE B 49 0.69 5.81 -3.75
N GLU B 50 -0.49 5.40 -3.26
CA GLU B 50 -0.54 4.24 -2.37
C GLU B 50 -0.33 2.94 -3.14
N LYS B 51 -0.89 2.87 -4.35
CA LYS B 51 -0.70 1.69 -5.20
C LYS B 51 0.76 1.61 -5.59
N SER B 52 1.31 2.75 -5.95
CA SER B 52 2.72 2.83 -6.34
C SER B 52 3.65 2.31 -5.25
N LYS B 53 3.45 2.77 -4.02
CA LYS B 53 4.26 2.29 -2.90
C LYS B 53 4.03 0.78 -2.66
N ALA B 54 2.82 0.31 -2.92
CA ALA B 54 2.50 -1.12 -2.72
C ALA B 54 3.13 -1.98 -3.84
N VAL B 55 3.09 -1.50 -5.06
CA VAL B 55 3.69 -2.25 -6.18
C VAL B 55 5.19 -2.34 -5.95
N THR B 56 5.79 -1.20 -5.63
CA THR B 56 7.22 -1.14 -5.33
C THR B 56 7.59 -2.09 -4.19
N CYS B 57 6.76 -2.13 -3.14
CA CYS B 57 7.04 -2.99 -2.01
C CYS B 57 6.91 -4.47 -2.36
N LEU B 58 5.95 -4.80 -3.21
CA LEU B 58 5.86 -6.19 -3.68
C LEU B 58 7.14 -6.59 -4.43
N SER B 59 7.67 -5.72 -5.29
CA SER B 59 8.93 -6.00 -5.99
C SER B 59 10.06 -6.21 -4.99
N ASN B 60 10.13 -5.32 -4.00
CA ASN B 60 11.08 -5.48 -2.94
C ASN B 60 10.97 -6.87 -2.32
N ARG B 61 9.76 -7.29 -1.97
CA ARG B 61 9.60 -8.59 -1.32
C ARG B 61 10.02 -9.75 -2.25
N GLU B 62 9.70 -9.66 -3.52
CA GLU B 62 10.10 -10.71 -4.46
C GLU B 62 11.63 -10.74 -4.57
N ASN B 63 12.23 -9.55 -4.57
CA ASN B 63 13.69 -9.48 -4.70
C ASN B 63 14.39 -10.04 -3.49
N ILE B 64 13.86 -9.72 -2.31
CA ILE B 64 14.33 -10.29 -1.05
C ILE B 64 14.13 -11.79 -1.08
N LYS B 65 12.94 -12.24 -1.45
CA LYS B 65 12.69 -13.68 -1.52
C LYS B 65 13.72 -14.37 -2.45
N THR B 66 13.97 -13.76 -3.59
CA THR B 66 14.92 -14.30 -4.56
C THR B 66 16.33 -14.42 -3.97
N GLN B 67 16.78 -13.38 -3.26
CA GLN B 67 18.11 -13.41 -2.63
C GLN B 67 18.17 -14.51 -1.59
N ILE B 68 17.08 -14.72 -0.87
CA ILE B 68 17.04 -15.76 0.14
C ILE B 68 17.10 -17.14 -0.52
N VAL B 69 16.37 -17.30 -1.62
CA VAL B 69 16.33 -18.59 -2.30
C VAL B 69 17.72 -18.96 -2.82
N ILE B 70 18.38 -18.00 -3.47
CA ILE B 70 19.72 -18.22 -4.01
C ILE B 70 20.70 -18.52 -2.88
N ALA B 71 20.62 -17.74 -1.80
CA ALA B 71 21.54 -17.90 -0.68
C ALA B 71 21.36 -19.26 -0.03
N MET B 72 20.12 -19.73 0.05
CA MET B 72 19.86 -21.07 0.59
C MET B 72 20.39 -22.17 -0.35
N ALA B 73 20.18 -22.02 -1.65
CA ALA B 73 20.63 -23.03 -2.60
C ALA B 73 22.15 -23.09 -2.65
N GLU B 74 22.81 -21.96 -2.43
CA GLU B 74 24.27 -21.93 -2.54
C GLU B 74 24.94 -22.46 -1.28
N GLU B 75 24.18 -22.50 -0.18
CA GLU B 75 24.65 -23.09 1.08
C GLU B 75 23.49 -23.77 1.79
N SER B 76 23.14 -24.98 1.36
CA SER B 76 21.95 -25.67 1.87
C SER B 76 22.10 -26.17 3.30
N SER B 77 23.33 -26.39 3.74
CA SER B 77 23.58 -26.90 5.09
C SER B 77 23.62 -25.75 6.12
N LYS B 78 23.47 -24.52 5.64
CA LYS B 78 23.48 -23.35 6.53
C LYS B 78 22.11 -23.12 7.15
N ASP B 79 22.13 -22.73 8.43
CA ASP B 79 20.91 -22.45 9.18
C ASP B 79 19.99 -21.46 8.43
N LYS B 80 18.77 -21.90 8.15
CA LYS B 80 17.84 -21.15 7.32
C LYS B 80 17.49 -19.77 7.89
N ASN B 81 17.31 -19.69 9.20
CA ASN B 81 17.03 -18.40 9.86
C ASN B 81 18.23 -17.45 9.76
N GLU B 82 19.42 -18.02 9.77
CA GLU B 82 20.64 -17.23 9.70
C GLU B 82 20.82 -16.69 8.28
N VAL B 83 20.40 -17.49 7.29
CA VAL B 83 20.40 -17.03 5.91
C VAL B 83 19.43 -15.87 5.75
N ILE B 84 18.22 -16.06 6.26
CA ILE B 84 17.22 -15.00 6.24
C ILE B 84 17.73 -13.71 6.90
N LYS B 85 18.31 -13.82 8.09
CA LYS B 85 18.79 -12.63 8.81
C LYS B 85 19.83 -11.84 8.02
N GLU B 86 20.79 -12.56 7.43
CA GLU B 86 21.88 -11.90 6.71
C GLU B 86 21.40 -11.23 5.43
N VAL B 87 20.43 -11.84 4.76
CA VAL B 87 19.83 -11.21 3.57
C VAL B 87 19.11 -9.93 3.98
N LEU B 88 18.27 -10.03 5.02
CA LEU B 88 17.50 -8.86 5.45
C LEU B 88 18.41 -7.71 5.89
N GLU B 89 19.61 -8.03 6.33
CA GLU B 89 20.58 -7.01 6.74
C GLU B 89 21.52 -6.56 5.64
N ASN B 90 21.29 -7.04 4.42
CA ASN B 90 22.22 -6.84 3.31
C ASN B 90 23.66 -6.96 3.80
N LYS B 91 23.94 -8.10 4.42
CA LYS B 91 25.21 -8.38 5.04
C LYS B 91 26.37 -8.18 4.08
N ASP B 92 27.31 -7.32 4.48
CA ASP B 92 28.46 -6.98 3.68
C ASP B 92 28.10 -6.38 2.31
N GLY B 93 26.84 -5.92 2.17
CA GLY B 93 26.35 -5.36 0.92
C GLY B 93 26.28 -6.40 -0.19
N LYS B 94 26.19 -7.66 0.21
CA LYS B 94 26.35 -8.79 -0.72
C LYS B 94 25.09 -9.11 -1.54
N TYR B 95 23.92 -8.74 -1.01
CA TYR B 95 22.66 -9.15 -1.61
C TYR B 95 21.96 -8.06 -2.41
N PHE B 96 22.18 -6.80 -2.02
CA PHE B 96 21.50 -5.68 -2.63
C PHE B 96 22.43 -4.51 -2.86
N GLU B 97 22.29 -3.90 -4.02
CA GLU B 97 22.86 -2.60 -4.36
C GLU B 97 22.50 -1.56 -3.30
N THR B 98 21.20 -1.42 -3.01
CA THR B 98 20.71 -0.59 -1.92
C THR B 98 19.64 -1.37 -1.16
N GLU B 99 19.66 -1.26 0.17
CA GLU B 99 18.70 -1.95 1.00
C GLU B 99 17.26 -1.65 0.55
N PRO B 100 16.47 -2.70 0.28
CA PRO B 100 15.05 -2.49 -0.06
C PRO B 100 14.36 -1.78 1.09
N LYS B 101 13.60 -0.75 0.79
CA LYS B 101 12.85 -0.06 1.81
C LYS B 101 11.42 0.11 1.37
N CYS B 102 10.50 -0.21 2.27
CA CYS B 102 9.10 0.04 1.99
C CYS B 102 8.84 1.54 2.17
N LYS B 103 8.31 2.20 1.15
CA LYS B 103 8.09 3.65 1.22
C LYS B 103 6.98 4.01 2.21
N SER B 104 6.25 3.01 2.70
CA SER B 104 5.24 3.23 3.72
C SER B 104 5.81 3.02 5.09
N GLY B 105 7.12 2.83 5.19
CA GLY B 105 7.74 2.65 6.49
C GLY B 105 7.58 1.25 7.05
N GLY B 106 7.20 0.30 6.20
CA GLY B 106 7.00 -1.06 6.66
C GLY B 106 8.29 -1.76 6.99
N ILE B 107 8.20 -2.78 7.82
CA ILE B 107 9.37 -3.58 8.16
C ILE B 107 9.30 -4.92 7.42
N TYR B 108 10.40 -5.34 6.80
CA TYR B 108 10.42 -6.63 6.11
C TYR B 108 10.82 -7.77 7.04
N SER B 109 10.09 -8.88 6.93
CA SER B 109 10.47 -10.09 7.61
C SER B 109 10.32 -11.25 6.65
N ALA B 110 10.91 -12.38 7.00
CA ALA B 110 10.80 -13.58 6.18
C ALA B 110 10.79 -14.81 7.07
N THR B 111 10.07 -15.85 6.63
CA THR B 111 10.05 -17.12 7.35
C THR B 111 10.31 -18.24 6.35
N PHE B 112 10.62 -19.42 6.87
CA PHE B 112 10.97 -20.57 6.05
C PHE B 112 10.10 -21.78 6.44
N ASP B 113 9.83 -22.65 5.47
CA ASP B 113 8.99 -23.82 5.71
C ASP B 113 9.50 -24.92 4.78
N ASP B 114 10.00 -26.01 5.37
CA ASP B 114 10.62 -27.08 4.58
C ASP B 114 9.63 -28.13 4.06
N SER B 124 5.56 -29.95 0.58
CA SER B 124 6.38 -30.57 -0.47
C SER B 124 7.74 -29.88 -0.57
N ILE B 125 7.84 -28.89 -1.46
CA ILE B 125 9.04 -28.09 -1.64
C ILE B 125 9.30 -27.15 -0.43
N ALA B 126 10.57 -26.79 -0.20
CA ALA B 126 10.89 -25.79 0.83
C ALA B 126 10.40 -24.43 0.35
N LYS B 127 9.91 -23.62 1.27
CA LYS B 127 9.24 -22.39 0.88
C LYS B 127 9.71 -21.21 1.72
N VAL B 128 9.89 -20.06 1.06
CA VAL B 128 10.25 -18.80 1.72
C VAL B 128 9.11 -17.81 1.58
N TYR B 129 8.68 -17.21 2.69
CA TYR B 129 7.60 -16.22 2.68
C TYR B 129 8.17 -14.90 3.17
N VAL B 130 7.95 -13.81 2.43
CA VAL B 130 8.45 -12.49 2.84
C VAL B 130 7.22 -11.62 3.10
N THR B 131 7.24 -10.86 4.19
CA THR B 131 6.09 -10.01 4.52
C THR B 131 6.56 -8.59 4.78
N CYS B 132 5.61 -7.66 4.73
CA CYS B 132 5.83 -6.27 5.12
C CYS B 132 4.74 -5.87 6.10
N THR B 133 5.06 -5.07 7.10
CA THR B 133 4.07 -4.72 8.13
C THR B 133 2.98 -3.77 7.63
N LYS B 134 3.22 -3.08 6.51
CA LYS B 134 2.22 -2.15 5.98
C LYS B 134 1.40 -2.72 4.82
N HIS B 135 1.93 -3.76 4.16
CA HIS B 135 1.38 -4.26 2.91
C HIS B 135 1.14 -5.78 2.98
N PRO B 136 -0.07 -6.19 3.34
CA PRO B 136 -0.38 -7.63 3.44
C PRO B 136 -0.12 -8.32 2.10
N ASP B 137 0.30 -9.58 2.16
CA ASP B 137 0.75 -10.28 0.96
C ASP B 137 -0.23 -11.42 0.65
N GLY B 138 -0.47 -11.71 -0.62
CA GLY B 138 -1.48 -12.68 -1.01
C GLY B 138 -1.13 -14.10 -0.58
N ILE B 139 0.16 -14.41 -0.63
CA ILE B 139 0.61 -15.72 -0.19
C ILE B 139 0.52 -15.85 1.34
N GLU B 140 1.01 -14.81 2.03
CA GLU B 140 0.96 -14.74 3.50
C GLU B 140 -0.44 -14.97 4.06
N MET B 141 -1.40 -14.26 3.48
CA MET B 141 -2.75 -14.30 4.00
C MET B 141 -3.37 -15.65 3.70
N ALA B 142 -2.99 -16.24 2.56
CA ALA B 142 -3.53 -17.53 2.16
C ALA B 142 -3.02 -18.61 3.11
N ARG B 143 -1.72 -18.56 3.37
CA ARG B 143 -1.05 -19.45 4.32
C ARG B 143 -1.69 -19.32 5.71
N ASP B 144 -2.03 -18.10 6.10
CA ASP B 144 -2.61 -17.85 7.42
C ASP B 144 -4.04 -18.39 7.54
N ILE B 145 -4.82 -18.24 6.47
CA ILE B 145 -6.19 -18.72 6.50
C ILE B 145 -6.19 -20.24 6.48
N HIS B 146 -5.26 -20.82 5.74
CA HIS B 146 -5.16 -22.27 5.62
C HIS B 146 -4.87 -22.87 6.99
N GLN B 147 -3.97 -22.22 7.72
CA GLN B 147 -3.56 -22.76 9.01
C GLN B 147 -4.60 -22.52 10.10
N SER B 148 -5.33 -21.39 10.02
CA SER B 148 -6.45 -21.15 10.92
C SER B 148 -7.50 -22.24 10.77
N MET B 149 -7.79 -22.64 9.54
CA MET B 149 -8.77 -23.72 9.34
C MET B 149 -8.21 -25.05 9.81
N LYS B 150 -6.93 -25.32 9.51
CA LYS B 150 -6.30 -26.58 9.97
C LYS B 150 -6.33 -26.69 11.50
N ASP B 151 -6.05 -25.59 12.18
CA ASP B 151 -6.09 -25.54 13.65
C ASP B 151 -7.49 -25.81 14.18
N LEU B 152 -8.48 -25.21 13.54
CA LEU B 152 -9.87 -25.46 13.93
C LEU B 152 -10.26 -26.92 13.72
N ILE B 153 -9.82 -27.52 12.62
CA ILE B 153 -10.12 -28.93 12.36
C ILE B 153 -9.45 -29.81 13.42
N ALA B 154 -8.18 -29.53 13.71
CA ALA B 154 -7.44 -30.24 14.74
C ALA B 154 -8.13 -30.08 16.08
N SER B 155 -8.48 -28.84 16.42
CA SER B 155 -9.24 -28.60 17.65
C SER B 155 -10.56 -29.39 17.75
N PHE B 156 -11.27 -29.51 16.62
CA PHE B 156 -12.54 -30.23 16.64
C PHE B 156 -12.32 -31.72 16.86
N ALA B 157 -11.22 -32.24 16.32
CA ALA B 157 -10.90 -33.65 16.44
C ALA B 157 -10.64 -34.01 17.90
N GLN B 158 -10.20 -33.03 18.67
CA GLN B 158 -9.90 -33.22 20.09
C GLN B 158 -11.15 -33.06 20.94
N ASP B 159 -12.04 -32.18 20.50
CA ASP B 159 -13.28 -31.92 21.21
C ASP B 159 -14.34 -31.39 20.25
N PRO B 160 -15.17 -32.29 19.71
CA PRO B 160 -16.20 -31.91 18.74
C PRO B 160 -17.20 -30.90 19.29
N SER B 161 -17.18 -30.65 20.60
CA SER B 161 -18.10 -29.67 21.16
C SER B 161 -17.71 -28.22 20.84
N ILE B 162 -16.52 -28.02 20.25
CA ILE B 162 -16.17 -26.68 19.77
C ILE B 162 -17.16 -26.23 18.69
N ILE B 163 -17.69 -27.20 17.95
CA ILE B 163 -18.75 -26.95 16.98
C ILE B 163 -19.93 -27.89 17.27
N PRO B 164 -20.77 -27.54 18.28
CA PRO B 164 -21.85 -28.42 18.75
C PRO B 164 -23.02 -28.53 17.77
N GLY B 165 -23.76 -29.63 17.83
CA GLY B 165 -24.85 -29.87 16.90
C GLY B 165 -24.44 -30.98 15.97
N ALA B 166 -25.36 -31.47 15.14
CA ALA B 166 -25.00 -32.50 14.15
C ALA B 166 -24.82 -31.84 12.80
N SER B 167 -25.18 -30.56 12.75
CA SER B 167 -24.82 -29.69 11.64
C SER B 167 -23.38 -29.21 11.80
N LYS B 168 -22.45 -29.94 11.19
CA LYS B 168 -21.04 -29.57 11.22
C LYS B 168 -20.39 -29.84 9.86
N GLY B 169 -20.40 -28.82 8.99
CA GLY B 169 -19.73 -28.93 7.71
C GLY B 169 -18.90 -27.69 7.46
N ASN B 170 -18.37 -27.61 6.25
CA ASN B 170 -17.60 -26.46 5.81
C ASN B 170 -18.15 -25.12 6.27
N ASP B 171 -19.46 -24.88 6.06
CA ASP B 171 -20.04 -23.60 6.47
C ASP B 171 -19.90 -23.32 7.97
N ASP B 172 -20.05 -24.35 8.78
CA ASP B 172 -20.00 -24.15 10.22
C ASP B 172 -18.61 -23.85 10.72
N PHE B 173 -17.61 -24.52 10.14
CA PHE B 173 -16.23 -24.23 10.50
C PHE B 173 -15.83 -22.86 9.99
N ARG B 174 -16.36 -22.45 8.83
CA ARG B 174 -16.04 -21.13 8.30
C ARG B 174 -16.63 -20.04 9.19
N LYS B 175 -17.86 -20.27 9.66
CA LYS B 175 -18.55 -19.28 10.49
C LYS B 175 -17.76 -19.09 11.78
N TYR B 176 -17.26 -20.19 12.34
CA TYR B 176 -16.44 -20.11 13.54
C TYR B 176 -15.24 -19.19 13.32
N LEU B 177 -14.58 -19.34 12.17
CA LEU B 177 -13.42 -18.51 11.85
C LEU B 177 -13.79 -17.05 11.71
N LEU B 178 -14.93 -16.79 11.08
CA LEU B 178 -15.40 -15.43 10.90
C LEU B 178 -15.75 -14.80 12.27
N ASP B 179 -16.40 -15.57 13.14
CA ASP B 179 -16.79 -15.03 14.45
C ASP B 179 -15.61 -14.71 15.32
N ASN B 180 -14.63 -15.59 15.29
CA ASN B 180 -13.58 -15.56 16.31
C ASN B 180 -12.20 -15.20 15.81
N LYS B 181 -12.02 -15.06 14.50
CA LYS B 181 -10.70 -14.65 14.02
C LYS B 181 -10.75 -13.59 12.93
N TYR B 182 -11.50 -13.85 11.86
CA TYR B 182 -11.60 -12.87 10.79
C TYR B 182 -12.85 -12.02 10.98
N LYS B 183 -12.81 -11.19 12.02
CA LYS B 183 -13.98 -10.49 12.53
C LYS B 183 -14.47 -9.37 11.64
N ASN B 184 -13.63 -8.94 10.70
CA ASN B 184 -14.07 -7.99 9.69
C ASN B 184 -14.18 -8.64 8.34
N GLY B 185 -14.33 -9.96 8.34
CA GLY B 185 -14.55 -10.69 7.10
C GLY B 185 -13.25 -11.23 6.50
N TRP B 186 -13.37 -11.94 5.38
CA TRP B 186 -12.20 -12.54 4.74
C TRP B 186 -11.26 -11.44 4.25
N PRO B 187 -9.96 -11.69 4.34
CA PRO B 187 -8.95 -10.80 3.74
C PRO B 187 -9.12 -10.83 2.23
N THR B 188 -8.61 -9.83 1.54
CA THR B 188 -8.80 -9.73 0.10
C THR B 188 -7.48 -9.67 -0.65
N ILE B 189 -7.50 -10.12 -1.90
CA ILE B 189 -6.33 -10.12 -2.75
C ILE B 189 -5.94 -8.66 -2.97
N PRO B 190 -4.69 -8.30 -2.66
CA PRO B 190 -4.28 -6.89 -2.80
C PRO B 190 -4.31 -6.46 -4.26
N ASP B 191 -4.51 -5.17 -4.51
CA ASP B 191 -4.55 -4.66 -5.87
C ASP B 191 -3.25 -4.91 -6.65
N GLU B 192 -2.11 -4.86 -5.97
CA GLU B 192 -0.83 -5.05 -6.66
C GLU B 192 -0.63 -6.50 -7.13
N PHE B 193 -1.22 -7.43 -6.40
CA PHE B 193 -1.26 -8.83 -6.83
C PHE B 193 -2.13 -8.93 -8.09
N LYS B 194 -3.29 -8.29 -8.05
CA LYS B 194 -4.19 -8.30 -9.20
C LYS B 194 -3.54 -7.66 -10.43
N ALA B 195 -2.84 -6.55 -10.19
CA ALA B 195 -2.10 -5.88 -11.27
C ALA B 195 -1.06 -6.81 -11.89
N LYS B 196 -0.30 -7.50 -11.03
CA LYS B 196 0.79 -8.37 -11.47
C LYS B 196 0.31 -9.50 -12.37
N TYR B 197 -0.89 -10.04 -12.09
CA TYR B 197 -1.34 -11.20 -12.84
C TYR B 197 -2.55 -10.95 -13.74
N GLY B 198 -2.81 -9.69 -14.05
CA GLY B 198 -3.92 -9.32 -14.92
C GLY B 198 -5.27 -9.83 -14.44
N LEU B 199 -5.59 -9.57 -13.17
CA LEU B 199 -6.89 -9.97 -12.61
C LEU B 199 -7.87 -8.80 -12.66
N SER B 200 -9.16 -9.12 -12.65
CA SER B 200 -10.18 -8.08 -12.75
C SER B 200 -10.09 -7.20 -11.52
N LYS B 201 -10.79 -6.07 -11.57
CA LYS B 201 -10.74 -5.16 -10.44
C LYS B 201 -11.73 -5.58 -9.35
N ASP B 202 -12.50 -6.64 -9.59
CA ASP B 202 -13.42 -7.14 -8.55
C ASP B 202 -12.70 -7.41 -7.25
N THR B 203 -13.39 -7.21 -6.14
CA THR B 203 -12.83 -7.60 -4.86
C THR B 203 -12.80 -9.12 -4.83
N LEU B 204 -11.64 -9.67 -4.44
CA LEU B 204 -11.49 -11.12 -4.34
C LEU B 204 -11.22 -11.49 -2.91
N TYR B 205 -12.06 -12.34 -2.35
CA TYR B 205 -11.95 -12.73 -0.95
C TYR B 205 -11.16 -14.03 -0.82
N ILE B 206 -10.08 -13.97 -0.03
CA ILE B 206 -9.24 -15.12 0.20
C ILE B 206 -9.89 -15.90 1.32
N GLN B 207 -10.18 -17.17 1.08
CA GLN B 207 -11.06 -17.89 1.99
C GLN B 207 -10.86 -19.42 1.91
N PRO B 208 -11.27 -20.14 2.96
CA PRO B 208 -10.98 -21.59 2.98
C PRO B 208 -12.22 -22.43 2.68
N TYR B 209 -11.99 -23.60 2.08
CA TYR B 209 -13.03 -24.63 2.03
C TYR B 209 -12.50 -25.84 2.77
N ALA B 210 -13.23 -26.28 3.77
CA ALA B 210 -12.85 -27.49 4.50
C ALA B 210 -13.64 -28.69 3.96
N TYR B 211 -12.93 -29.69 3.45
CA TYR B 211 -13.56 -30.91 2.99
C TYR B 211 -13.59 -31.88 4.17
N ASN B 212 -14.78 -32.41 4.45
CA ASN B 212 -14.98 -33.35 5.57
C ASN B 212 -14.33 -32.92 6.89
N PRO B 213 -14.58 -31.67 7.34
CA PRO B 213 -13.81 -31.15 8.49
C PRO B 213 -13.99 -31.96 9.77
N THR B 214 -15.10 -32.70 9.90
CA THR B 214 -15.28 -33.55 11.07
C THR B 214 -14.69 -34.94 10.91
N LYS B 215 -14.15 -35.25 9.74
CA LYS B 215 -13.65 -36.61 9.51
C LYS B 215 -12.14 -36.64 9.47
N SER B 216 -11.57 -37.85 9.49
CA SER B 216 -10.13 -38.00 9.54
C SER B 216 -9.51 -37.73 8.19
N ASP B 217 -10.31 -37.73 7.12
CA ASP B 217 -9.71 -37.38 5.83
C ASP B 217 -9.95 -35.90 5.48
N ALA B 218 -10.18 -35.09 6.50
CA ALA B 218 -10.36 -33.64 6.33
C ALA B 218 -9.20 -33.00 5.56
N THR B 219 -9.54 -32.10 4.63
CA THR B 219 -8.51 -31.28 3.98
C THR B 219 -8.95 -29.82 3.90
N VAL B 220 -8.02 -28.93 3.57
CA VAL B 220 -8.30 -27.50 3.48
C VAL B 220 -7.72 -26.98 2.19
N VAL B 221 -8.53 -26.20 1.47
CA VAL B 221 -7.99 -25.50 0.33
C VAL B 221 -8.40 -24.05 0.41
N VAL B 222 -7.43 -23.17 0.16
CA VAL B 222 -7.65 -21.74 0.16
C VAL B 222 -7.78 -21.27 -1.28
N PHE B 223 -8.74 -20.40 -1.53
CA PHE B 223 -9.00 -19.94 -2.88
C PHE B 223 -9.47 -18.52 -2.77
N ALA B 224 -9.71 -17.90 -3.92
CA ALA B 224 -10.23 -16.54 -3.92
C ALA B 224 -11.27 -16.44 -5.01
N ASN B 225 -12.43 -15.88 -4.70
CA ASN B 225 -13.33 -15.44 -5.75
C ASN B 225 -14.07 -14.20 -5.28
N ASN B 226 -15.05 -13.75 -6.04
CA ASN B 226 -15.61 -12.43 -5.74
C ASN B 226 -16.81 -12.50 -4.80
N LYS B 227 -16.95 -13.62 -4.10
CA LYS B 227 -18.01 -13.80 -3.11
C LYS B 227 -17.42 -14.07 -1.72
N THR B 228 -18.22 -13.81 -0.67
CA THR B 228 -17.74 -14.01 0.69
C THR B 228 -18.16 -15.37 1.22
N GLY B 229 -19.07 -16.02 0.51
CA GLY B 229 -19.43 -17.39 0.82
C GLY B 229 -20.44 -17.92 -0.18
N GLY B 230 -20.85 -19.18 0.01
CA GLY B 230 -21.89 -19.78 -0.82
C GLY B 230 -21.52 -20.09 -2.25
N ASN B 231 -20.28 -19.82 -2.67
CA ASN B 231 -19.88 -20.11 -4.05
C ASN B 231 -18.51 -20.80 -4.09
N TRP B 232 -18.48 -22.03 -4.58
CA TRP B 232 -17.28 -22.86 -4.48
C TRP B 232 -16.56 -23.02 -5.81
N TYR B 233 -17.01 -22.30 -6.83
CA TYR B 233 -16.26 -22.30 -8.07
C TYR B 233 -15.26 -21.15 -8.03
N THR B 234 -14.05 -21.42 -8.48
CA THR B 234 -12.98 -20.44 -8.39
C THR B 234 -11.94 -20.62 -9.49
N SER B 235 -11.38 -19.50 -9.93
CA SER B 235 -10.34 -19.49 -10.96
C SER B 235 -8.98 -19.15 -10.35
N LEU B 236 -8.90 -19.16 -9.02
CA LEU B 236 -7.69 -18.77 -8.31
C LEU B 236 -7.58 -19.63 -7.06
N VAL B 237 -6.64 -20.56 -7.08
CA VAL B 237 -6.55 -21.56 -6.02
C VAL B 237 -5.14 -21.52 -5.47
N TYR B 238 -5.02 -21.45 -4.15
CA TYR B 238 -3.69 -21.48 -3.52
C TYR B 238 -3.24 -22.92 -3.28
N ASP B 239 -2.14 -23.32 -3.92
CA ASP B 239 -1.53 -24.59 -3.58
C ASP B 239 -0.63 -24.37 -2.37
N TYR B 240 -1.15 -24.73 -1.20
CA TYR B 240 -0.40 -24.64 0.04
C TYR B 240 0.92 -25.43 0.03
N ASP B 241 0.96 -26.55 -0.70
CA ASP B 241 2.14 -27.39 -0.71
C ASP B 241 3.28 -26.74 -1.49
N GLU B 242 2.94 -26.09 -2.61
CA GLU B 242 3.94 -25.49 -3.49
C GLU B 242 4.26 -24.05 -3.06
N GLY B 243 3.39 -23.51 -2.21
CA GLY B 243 3.53 -22.14 -1.76
C GLY B 243 3.28 -21.17 -2.89
N ARG B 244 2.34 -21.47 -3.79
CA ARG B 244 2.01 -20.50 -4.83
C ARG B 244 0.61 -20.69 -5.37
N TRP B 245 0.06 -19.61 -5.91
CA TRP B 245 -1.26 -19.62 -6.49
C TRP B 245 -1.29 -20.27 -7.87
N TYR B 246 -2.45 -20.83 -8.22
CA TYR B 246 -2.77 -21.25 -9.58
C TYR B 246 -3.98 -20.44 -10.05
N LYS B 247 -3.99 -20.13 -11.34
CA LYS B 247 -5.02 -19.34 -11.98
C LYS B 247 -5.48 -20.12 -13.20
N GLY B 248 -6.77 -20.04 -13.51
CA GLY B 248 -7.26 -20.71 -14.70
C GLY B 248 -8.28 -19.86 -15.42
N LYS B 249 -8.57 -20.21 -16.67
CA LYS B 249 -9.61 -19.54 -17.43
C LYS B 249 -10.97 -19.92 -16.86
N ASN B 250 -11.23 -21.21 -16.79
CA ASN B 250 -12.50 -21.70 -16.24
C ASN B 250 -12.39 -22.16 -14.79
N GLY B 251 -13.38 -21.76 -13.97
CA GLY B 251 -13.36 -22.07 -12.57
C GLY B 251 -13.60 -23.54 -12.29
N ILE B 252 -13.00 -24.03 -11.21
CA ILE B 252 -13.24 -25.38 -10.77
C ILE B 252 -13.96 -25.32 -9.42
N SER B 253 -14.69 -26.38 -9.09
CA SER B 253 -15.33 -26.43 -7.78
C SER B 253 -14.36 -27.00 -6.75
N VAL B 254 -14.16 -26.29 -5.65
CA VAL B 254 -13.33 -26.82 -4.55
C VAL B 254 -14.17 -27.63 -3.55
N ALA B 255 -15.48 -27.67 -3.76
CA ALA B 255 -16.40 -28.26 -2.78
C ALA B 255 -16.58 -29.75 -3.00
N GLY B 256 -16.89 -30.48 -1.92
CA GLY B 256 -17.36 -31.84 -2.05
C GLY B 256 -16.29 -32.87 -2.39
N ARG B 257 -15.01 -32.47 -2.36
CA ARG B 257 -13.93 -33.42 -2.64
C ARG B 257 -12.64 -32.99 -1.95
N SER B 258 -11.68 -33.91 -1.89
CA SER B 258 -10.44 -33.70 -1.15
C SER B 258 -9.51 -32.71 -1.85
N TRP B 259 -8.71 -31.97 -1.07
CA TRP B 259 -7.67 -31.15 -1.67
C TRP B 259 -6.72 -32.01 -2.51
N ASP B 260 -6.32 -33.17 -1.99
CA ASP B 260 -5.22 -33.88 -2.65
C ASP B 260 -5.34 -35.40 -2.82
N VAL B 261 -6.43 -35.98 -2.33
CA VAL B 261 -6.67 -37.43 -2.53
C VAL B 261 -7.55 -37.66 -3.76
N ASP B 262 -6.97 -38.24 -4.81
CA ASP B 262 -7.73 -38.63 -6.00
C ASP B 262 -8.51 -39.91 -5.70
N THR B 263 -9.76 -40.00 -6.14
CA THR B 263 -10.46 -41.29 -6.16
C THR B 263 -10.44 -41.78 -7.58
N ASP B 264 -10.95 -42.99 -7.82
CA ASP B 264 -10.91 -43.58 -9.16
C ASP B 264 -11.74 -42.71 -10.09
N SER B 265 -12.81 -42.12 -9.54
CA SER B 265 -13.75 -41.34 -10.35
C SER B 265 -13.71 -39.81 -10.14
N VAL B 266 -13.10 -39.36 -9.06
CA VAL B 266 -13.01 -37.91 -8.86
C VAL B 266 -11.60 -37.45 -8.55
N LYS B 267 -11.06 -36.62 -9.43
CA LYS B 267 -9.73 -36.07 -9.20
C LYS B 267 -9.79 -35.03 -8.10
N SER B 268 -8.75 -35.00 -7.27
CA SER B 268 -8.62 -33.99 -6.24
C SER B 268 -8.50 -32.61 -6.87
N VAL B 269 -8.79 -31.58 -6.07
CA VAL B 269 -8.58 -30.20 -6.49
C VAL B 269 -7.14 -29.99 -6.94
N LYS B 270 -6.19 -30.52 -6.17
CA LYS B 270 -4.78 -30.33 -6.49
C LYS B 270 -4.43 -30.94 -7.85
N THR B 271 -4.97 -32.13 -8.13
CA THR B 271 -4.69 -32.75 -9.43
C THR B 271 -5.28 -31.88 -10.52
N GLU B 272 -6.47 -31.35 -10.26
CA GLU B 272 -7.14 -30.57 -11.30
C GLU B 272 -6.44 -29.26 -11.68
N ILE B 273 -5.98 -28.49 -10.69
CA ILE B 273 -5.28 -27.24 -11.02
C ILE B 273 -3.96 -27.49 -11.75
N HIS B 274 -3.41 -28.68 -11.58
CA HIS B 274 -2.16 -29.07 -12.25
C HIS B 274 -2.31 -29.64 -13.66
N SER B 275 -3.53 -30.05 -14.03
CA SER B 275 -3.71 -30.79 -15.28
C SER B 275 -4.79 -30.19 -16.15
N LYS B 276 -5.62 -29.30 -15.59
CA LYS B 276 -6.75 -28.78 -16.35
C LYS B 276 -6.31 -27.81 -17.45
N GLU B 277 -6.99 -27.89 -18.58
CA GLU B 277 -6.68 -26.99 -19.68
C GLU B 277 -6.92 -25.56 -19.22
N GLY B 278 -6.01 -24.67 -19.62
CA GLY B 278 -6.22 -23.26 -19.35
C GLY B 278 -5.89 -22.87 -17.93
N TRP B 279 -5.17 -23.76 -17.23
CA TRP B 279 -4.67 -23.47 -15.87
C TRP B 279 -3.15 -23.46 -15.84
N GLY B 280 -2.60 -22.62 -14.96
CA GLY B 280 -1.17 -22.56 -14.73
C GLY B 280 -0.83 -21.95 -13.37
N PRO B 281 0.42 -22.15 -12.93
CA PRO B 281 0.91 -21.53 -11.70
C PRO B 281 1.20 -20.05 -11.89
N LEU B 282 1.13 -19.29 -10.79
CA LEU B 282 1.56 -17.91 -10.77
C LEU B 282 2.87 -17.85 -10.02
N ASN B 283 3.85 -17.13 -10.57
CA ASN B 283 5.22 -17.15 -10.04
C ASN B 283 5.80 -15.78 -9.80
#